data_4EPS
#
_entry.id   4EPS
#
_cell.length_a   77.956
_cell.length_b   77.956
_cell.length_c   250.498
_cell.angle_alpha   90.000
_cell.angle_beta   90.000
_cell.angle_gamma   90.000
#
_symmetry.space_group_name_H-M   'P 41 21 2'
#
loop_
_entity.id
_entity.type
_entity.pdbx_description
1 polymer 'hypothetical protein'
2 non-polymer 'CHLORIDE ION'
3 non-polymer 'SULFATE ION'
4 non-polymer GLYCEROL
5 water water
#
_entity_poly.entity_id   1
_entity_poly.type   'polypeptide(L)'
_entity_poly.pdbx_seq_one_letter_code
;GEEEVPGNVRNGIVLNVTDTGIISNEPSTRTEDTGFVTTFTQGDQIGLFAVKDGAILDEINN(MSE)PFTFNGSSWSGKP
ILYDDRLVGVNFYAYYPYQSE(MSE)TGKTDLIGDDFFAPLAAGWELTTEQSDQKAYAKQDL(MSE)TSNATALIGENGN
YSLSFQLTHR(MSE)SLVVVKLPSTRYIFTDAEGVA(MSE)PEETPYVA(MSE)SVDVAFYLDNVEEGTKISPYYDAKKD
EYRLLRKPSSENQIIGHYNDKQCTLDTAEK(MSE)KEGKYKRFVVDGGYKEVTHHLQVGDYYYADGSVVSGNEAEPAKDN
CIGIVCWVGNP(MSE)PSVLYKDVAGTPYTATNDALLRSHPNCVHGLV(MSE)SLYTETGKFSPALTQSIHDWF(MSE)T
TSFTSSYVSVTGYYDANENNKNKPLRFLGYNNSEVLDLYYDTFKTDFECFQYQDDCESSFPSPSITTGWYVPSSGELVAL
QDKDNSLESKLNTKLIKVSDKT(MSE)DISATYWSSTERNNKN(MSE)YIVTYSKTAGSAGTGGVKTNTYTYRFFLGF
;
_entity_poly.pdbx_strand_id   A
#
loop_
_chem_comp.id
_chem_comp.type
_chem_comp.name
_chem_comp.formula
CL non-polymer 'CHLORIDE ION' 'Cl -1'
GOL non-polymer GLYCEROL 'C3 H8 O3'
SO4 non-polymer 'SULFATE ION' 'O4 S -2'
#
# COMPACT_ATOMS: atom_id res chain seq x y z
N ASN A 8 25.03 -31.04 -6.33
CA ASN A 8 26.21 -30.20 -6.55
C ASN A 8 27.37 -31.06 -7.08
N VAL A 9 27.70 -30.87 -8.37
CA VAL A 9 28.73 -31.59 -9.14
C VAL A 9 30.08 -31.58 -8.41
N ARG A 10 30.74 -32.76 -8.35
CA ARG A 10 32.07 -32.96 -7.75
C ARG A 10 33.09 -32.09 -8.51
N ASN A 11 33.95 -31.36 -7.75
CA ASN A 11 34.97 -30.41 -8.26
C ASN A 11 34.29 -29.15 -8.89
N GLY A 12 32.99 -28.98 -8.65
CA GLY A 12 32.20 -27.85 -9.14
C GLY A 12 32.26 -26.67 -8.20
N ILE A 13 32.72 -25.52 -8.72
CA ILE A 13 32.90 -24.29 -7.95
C ILE A 13 31.54 -23.72 -7.47
N VAL A 14 31.44 -23.44 -6.18
CA VAL A 14 30.25 -22.87 -5.53
C VAL A 14 30.38 -21.35 -5.63
N LEU A 15 29.27 -20.68 -5.99
CA LEU A 15 29.23 -19.22 -6.12
CA LEU A 15 29.22 -19.24 -6.15
C LEU A 15 28.45 -18.58 -5.01
N ASN A 16 29.06 -17.58 -4.38
CA ASN A 16 28.44 -16.81 -3.33
CA ASN A 16 28.44 -16.80 -3.32
C ASN A 16 28.52 -15.34 -3.71
N VAL A 17 27.45 -14.59 -3.45
CA VAL A 17 27.37 -13.18 -3.81
C VAL A 17 26.88 -12.37 -2.60
N THR A 18 27.65 -11.35 -2.21
CA THR A 18 27.31 -10.50 -1.07
C THR A 18 27.32 -9.05 -1.49
N ASP A 19 26.27 -8.32 -1.16
CA ASP A 19 26.21 -6.88 -1.42
C ASP A 19 26.87 -6.14 -0.26
N THR A 20 27.81 -5.24 -0.55
CA THR A 20 28.46 -4.45 0.51
C THR A 20 27.49 -3.34 0.99
N GLY A 21 26.46 -3.07 0.20
CA GLY A 21 25.38 -2.11 0.51
C GLY A 21 25.64 -0.67 0.14
N ILE A 22 24.58 0.11 0.04
CA ILE A 22 24.62 1.57 -0.21
C ILE A 22 24.64 2.21 1.17
N ILE A 23 25.72 2.92 1.49
CA ILE A 23 25.92 3.50 2.82
C ILE A 23 25.71 5.02 2.82
N SER A 24 25.45 5.60 4.00
CA SER A 24 25.19 7.03 4.13
C SER A 24 26.36 7.88 3.65
N ASN A 25 26.07 8.94 2.88
CA ASN A 25 27.04 9.87 2.31
C ASN A 25 27.79 10.63 3.42
N GLU A 26 27.10 10.90 4.55
CA GLU A 26 27.62 11.58 5.75
C GLU A 26 28.21 10.57 6.72
N ASP A 33 25.45 2.96 10.02
CA ASP A 33 24.64 1.73 10.01
C ASP A 33 25.01 0.82 8.81
N THR A 34 24.21 -0.24 8.62
CA THR A 34 24.34 -1.25 7.55
C THR A 34 24.09 -0.63 6.15
N GLY A 35 23.20 0.37 6.09
CA GLY A 35 22.80 0.99 4.84
C GLY A 35 21.80 0.11 4.12
N PHE A 36 21.67 0.26 2.80
CA PHE A 36 20.72 -0.52 2.00
C PHE A 36 21.44 -1.67 1.38
N VAL A 37 21.18 -2.87 1.93
CA VAL A 37 21.82 -4.10 1.49
C VAL A 37 20.82 -4.92 0.72
N THR A 38 21.20 -5.28 -0.49
CA THR A 38 20.38 -6.10 -1.37
C THR A 38 20.47 -7.55 -0.94
N THR A 39 19.34 -8.23 -0.80
N THR A 39 19.29 -8.15 -0.86
CA THR A 39 19.41 -9.63 -0.38
CA THR A 39 19.03 -9.56 -0.67
C THR A 39 19.35 -10.62 -1.58
C THR A 39 18.49 -10.01 -2.04
N PHE A 40 18.82 -10.15 -2.73
N PHE A 40 19.21 -10.94 -2.70
CA PHE A 40 18.57 -10.88 -4.00
CA PHE A 40 18.82 -11.36 -4.04
C PHE A 40 17.28 -11.72 -3.87
C PHE A 40 17.55 -12.22 -3.98
N THR A 41 16.71 -12.08 -5.01
CA THR A 41 15.43 -12.81 -5.05
C THR A 41 15.45 -13.79 -6.22
N GLN A 42 14.55 -14.80 -6.19
CA GLN A 42 14.48 -15.79 -7.28
C GLN A 42 14.35 -15.10 -8.64
N GLY A 43 15.21 -15.47 -9.57
CA GLY A 43 15.17 -14.88 -10.91
C GLY A 43 16.27 -13.87 -11.17
N ASP A 44 16.88 -13.28 -10.11
CA ASP A 44 18.02 -12.35 -10.28
C ASP A 44 19.14 -13.06 -10.99
N GLN A 45 19.84 -12.36 -11.91
CA GLN A 45 20.96 -12.94 -12.63
C GLN A 45 22.18 -12.08 -12.58
N ILE A 46 23.34 -12.72 -12.49
CA ILE A 46 24.65 -12.11 -12.50
C ILE A 46 25.42 -12.66 -13.69
N GLY A 47 26.44 -11.94 -14.10
CA GLY A 47 27.33 -12.38 -15.16
C GLY A 47 28.70 -12.60 -14.55
N LEU A 48 29.38 -13.65 -14.97
CA LEU A 48 30.72 -13.95 -14.47
C LEU A 48 31.78 -13.89 -15.58
N PHE A 49 32.97 -13.36 -15.23
CA PHE A 49 34.16 -13.31 -16.10
C PHE A 49 35.38 -13.88 -15.39
N ALA A 50 36.25 -14.58 -16.14
CA ALA A 50 37.53 -15.08 -15.65
C ALA A 50 38.61 -14.52 -16.55
N VAL A 51 39.58 -13.80 -15.97
CA VAL A 51 40.68 -13.20 -16.72
C VAL A 51 41.96 -13.93 -16.37
N LYS A 52 42.63 -14.49 -17.38
CA LYS A 52 43.90 -15.20 -17.23
C LYS A 52 44.91 -14.55 -18.19
N ASP A 53 46.06 -14.11 -17.64
CA ASP A 53 47.19 -13.47 -18.35
C ASP A 53 46.73 -12.33 -19.30
N GLY A 54 45.85 -11.46 -18.81
CA GLY A 54 45.36 -10.29 -19.53
C GLY A 54 44.30 -10.52 -20.59
N ALA A 55 43.65 -11.69 -20.59
CA ALA A 55 42.58 -12.01 -21.54
C ALA A 55 41.44 -12.75 -20.85
N ILE A 56 40.20 -12.47 -21.28
CA ILE A 56 39.02 -13.18 -20.78
C ILE A 56 39.03 -14.62 -21.33
N LEU A 57 38.81 -15.61 -20.45
CA LEU A 57 38.70 -17.01 -20.83
C LEU A 57 37.43 -17.23 -21.62
N ASP A 58 37.54 -17.86 -22.80
CA ASP A 58 36.39 -18.14 -23.68
C ASP A 58 35.31 -18.93 -22.98
N GLU A 59 35.71 -19.83 -22.06
CA GLU A 59 34.77 -20.67 -21.32
C GLU A 59 34.01 -19.89 -20.22
N ILE A 60 34.56 -18.74 -19.72
CA ILE A 60 33.96 -17.93 -18.63
C ILE A 60 33.96 -16.45 -19.06
N ASN A 61 33.11 -16.14 -20.03
CA ASN A 61 32.99 -14.83 -20.63
C ASN A 61 31.55 -14.41 -20.58
N ASN A 62 31.17 -13.59 -19.56
CA ASN A 62 29.79 -13.15 -19.34
C ASN A 62 28.89 -14.37 -19.12
N MSE A 63 29.33 -15.31 -18.29
CA MSE A 63 28.57 -16.50 -18.00
C MSE A 63 27.44 -16.18 -17.02
O MSE A 63 27.72 -15.65 -15.93
CB MSE A 63 29.50 -17.60 -17.48
CG MSE A 63 28.83 -18.94 -17.34
SE MSE A 63 30.06 -20.26 -16.56
CE MSE A 63 31.39 -20.03 -17.55
N PRO A 64 26.18 -16.49 -17.36
CA PRO A 64 25.07 -16.15 -16.47
C PRO A 64 24.81 -17.16 -15.34
N PHE A 65 24.48 -16.64 -14.17
CA PHE A 65 24.07 -17.44 -13.02
C PHE A 65 22.80 -16.85 -12.48
N THR A 66 21.83 -17.70 -12.14
CA THR A 66 20.51 -17.29 -11.66
C THR A 66 20.28 -17.72 -10.21
N PHE A 67 19.77 -16.79 -9.38
CA PHE A 67 19.47 -17.10 -8.00
C PHE A 67 18.09 -17.77 -7.95
N ASN A 68 17.96 -18.90 -7.25
CA ASN A 68 16.68 -19.62 -7.22
C ASN A 68 15.93 -19.39 -5.91
N GLY A 69 16.41 -18.46 -5.09
CA GLY A 69 15.80 -18.19 -3.78
C GLY A 69 16.64 -18.75 -2.65
N SER A 70 17.56 -19.66 -2.97
CA SER A 70 18.45 -20.30 -1.99
C SER A 70 19.91 -20.25 -2.45
N SER A 71 20.18 -20.48 -3.76
CA SER A 71 21.55 -20.54 -4.26
C SER A 71 21.66 -20.07 -5.69
N TRP A 72 22.90 -19.88 -6.18
CA TRP A 72 23.19 -19.44 -7.54
C TRP A 72 23.46 -20.65 -8.43
N SER A 73 22.72 -20.75 -9.54
CA SER A 73 22.87 -21.87 -10.49
C SER A 73 23.11 -21.40 -11.91
N GLY A 74 23.85 -22.22 -12.63
CA GLY A 74 24.18 -22.03 -14.03
C GLY A 74 24.92 -23.25 -14.52
N LYS A 75 25.63 -23.12 -15.63
CA LYS A 75 26.41 -24.23 -16.16
C LYS A 75 27.62 -24.43 -15.21
N PRO A 76 27.87 -25.67 -14.71
CA PRO A 76 28.96 -25.87 -13.75
C PRO A 76 30.36 -25.46 -14.24
N ILE A 77 31.12 -24.83 -13.34
CA ILE A 77 32.52 -24.49 -13.58
C ILE A 77 33.30 -25.50 -12.77
N LEU A 78 34.03 -26.34 -13.46
CA LEU A 78 34.82 -27.39 -12.82
C LEU A 78 36.21 -26.88 -12.54
N TYR A 79 36.72 -27.15 -11.33
CA TYR A 79 38.07 -26.74 -10.97
C TYR A 79 39.10 -27.48 -11.82
N ASP A 80 40.13 -26.73 -12.21
CA ASP A 80 41.27 -27.15 -13.00
C ASP A 80 42.46 -26.31 -12.58
N ASP A 81 43.69 -26.87 -12.61
CA ASP A 81 44.95 -26.18 -12.28
C ASP A 81 45.15 -24.90 -13.11
N ARG A 82 44.51 -24.82 -14.29
CA ARG A 82 44.55 -23.64 -15.17
C ARG A 82 43.87 -22.42 -14.51
N LEU A 83 43.05 -22.66 -13.46
CA LEU A 83 42.36 -21.56 -12.77
C LEU A 83 43.24 -20.92 -11.70
N VAL A 84 44.46 -21.46 -11.42
CA VAL A 84 45.39 -20.83 -10.48
C VAL A 84 45.89 -19.52 -11.08
N GLY A 85 45.82 -18.43 -10.29
CA GLY A 85 46.26 -17.10 -10.71
C GLY A 85 45.24 -16.33 -11.52
N VAL A 86 44.06 -16.92 -11.75
CA VAL A 86 43.00 -16.30 -12.54
C VAL A 86 42.25 -15.26 -11.67
N ASN A 87 41.93 -14.10 -12.28
CA ASN A 87 41.12 -13.06 -11.64
C ASN A 87 39.66 -13.25 -12.03
N PHE A 88 38.74 -13.38 -11.04
CA PHE A 88 37.32 -13.54 -11.35
C PHE A 88 36.59 -12.24 -11.06
N TYR A 89 35.58 -11.94 -11.87
CA TYR A 89 34.77 -10.72 -11.74
C TYR A 89 33.31 -11.03 -11.88
N ALA A 90 32.46 -10.36 -11.11
CA ALA A 90 31.02 -10.57 -11.29
C ALA A 90 30.28 -9.24 -11.29
N TYR A 91 29.14 -9.19 -11.97
CA TYR A 91 28.30 -7.99 -11.97
C TYR A 91 26.85 -8.38 -11.99
N TYR A 92 26.04 -7.44 -11.54
CA TYR A 92 24.58 -7.53 -11.51
C TYR A 92 24.00 -6.21 -12.07
N PRO A 93 22.87 -6.22 -12.80
CA PRO A 93 22.14 -7.37 -13.34
C PRO A 93 22.75 -7.82 -14.66
N TYR A 94 22.75 -9.14 -14.89
CA TYR A 94 23.28 -9.75 -16.10
C TYR A 94 22.71 -9.07 -17.35
N GLN A 95 23.60 -8.81 -18.33
CA GLN A 95 23.29 -8.22 -19.65
C GLN A 95 23.75 -9.23 -20.70
N SER A 96 22.86 -9.57 -21.66
CA SER A 96 23.16 -10.48 -22.78
C SER A 96 24.31 -9.97 -23.61
N GLU A 97 24.41 -8.63 -23.78
CA GLU A 97 25.47 -8.03 -24.59
C GLU A 97 26.48 -7.30 -23.70
N MSE A 98 27.73 -7.77 -23.69
CA MSE A 98 28.79 -7.15 -22.89
C MSE A 98 29.98 -6.75 -23.76
O MSE A 98 31.02 -6.36 -23.24
CB MSE A 98 29.21 -8.06 -21.73
CG MSE A 98 28.17 -8.11 -20.60
SE MSE A 98 28.01 -6.39 -19.70
CE MSE A 98 29.71 -6.40 -18.71
N THR A 99 29.81 -6.78 -25.10
CA THR A 99 30.90 -6.37 -26.01
C THR A 99 31.24 -4.91 -25.75
N GLY A 100 32.51 -4.65 -25.47
CA GLY A 100 33.05 -3.34 -25.19
C GLY A 100 32.66 -2.78 -23.83
N LYS A 101 32.06 -3.61 -22.95
CA LYS A 101 31.66 -3.13 -21.63
C LYS A 101 32.68 -3.46 -20.52
N THR A 102 33.82 -4.09 -20.87
CA THR A 102 34.86 -4.44 -19.91
C THR A 102 36.20 -3.81 -20.32
N ASP A 103 37.10 -3.60 -19.35
CA ASP A 103 38.41 -2.99 -19.56
C ASP A 103 39.52 -3.82 -18.92
N LEU A 104 40.37 -4.41 -19.77
CA LEU A 104 41.50 -5.23 -19.33
C LEU A 104 42.77 -4.39 -19.04
N ILE A 105 42.87 -3.18 -19.63
CA ILE A 105 44.05 -2.32 -19.49
C ILE A 105 43.98 -1.53 -18.18
N GLY A 106 42.88 -0.80 -17.95
CA GLY A 106 42.66 0.00 -16.75
C GLY A 106 42.56 -0.79 -15.46
N ASP A 107 42.52 -0.08 -14.32
CA ASP A 107 42.45 -0.70 -12.99
CA ASP A 107 42.43 -0.66 -12.97
C ASP A 107 40.99 -0.99 -12.56
N ASP A 108 40.00 -0.64 -13.42
CA ASP A 108 38.58 -0.90 -13.15
C ASP A 108 37.99 -1.70 -14.32
N PHE A 109 37.86 -3.04 -14.13
CA PHE A 109 37.38 -3.94 -15.18
C PHE A 109 35.99 -3.55 -15.73
N PHE A 110 35.09 -3.02 -14.90
CA PHE A 110 33.75 -2.68 -15.39
C PHE A 110 33.55 -1.15 -15.63
N ALA A 111 34.64 -0.38 -15.75
CA ALA A 111 34.56 1.07 -16.01
C ALA A 111 33.65 1.40 -17.24
N PRO A 112 33.74 0.71 -18.42
CA PRO A 112 32.84 1.08 -19.54
C PRO A 112 31.37 0.73 -19.30
N LEU A 113 31.10 -0.37 -18.58
CA LEU A 113 29.72 -0.76 -18.24
C LEU A 113 29.08 0.36 -17.40
N ALA A 114 29.82 0.84 -16.38
CA ALA A 114 29.34 1.90 -15.51
C ALA A 114 29.21 3.23 -16.26
N ALA A 115 30.22 3.59 -17.09
CA ALA A 115 30.20 4.83 -17.88
C ALA A 115 29.00 4.93 -18.84
N GLY A 116 28.65 3.83 -19.49
CA GLY A 116 27.53 3.80 -20.43
C GLY A 116 26.19 3.41 -19.84
N TRP A 117 26.12 3.18 -18.51
CA TRP A 117 24.88 2.74 -17.86
C TRP A 117 23.81 3.81 -17.96
N GLU A 118 22.70 3.49 -18.63
CA GLU A 118 21.59 4.42 -18.86
CA GLU A 118 21.62 4.44 -18.84
C GLU A 118 20.55 4.25 -17.77
N LEU A 119 20.43 5.23 -16.94
CA LEU A 119 19.49 5.23 -15.83
C LEU A 119 18.30 6.10 -16.17
N THR A 120 17.09 5.59 -15.94
CA THR A 120 15.87 6.36 -16.18
C THR A 120 15.23 6.72 -14.82
N THR A 121 14.25 7.60 -14.86
CA THR A 121 13.57 8.01 -13.64
C THR A 121 12.29 7.17 -13.41
N GLU A 122 12.12 6.05 -14.14
CA GLU A 122 10.98 5.15 -13.99
C GLU A 122 11.44 3.95 -13.14
N GLN A 123 11.23 4.05 -11.81
CA GLN A 123 11.75 3.04 -10.89
C GLN A 123 10.67 2.64 -9.85
N SER A 124 9.38 2.86 -10.18
CA SER A 124 8.24 2.74 -9.28
C SER A 124 7.90 1.29 -8.85
N ASP A 125 8.51 0.27 -9.43
CA ASP A 125 8.26 -1.08 -8.94
C ASP A 125 9.58 -1.82 -8.76
N GLN A 126 9.56 -2.95 -8.00
CA GLN A 126 10.76 -3.72 -7.68
C GLN A 126 11.54 -4.07 -8.92
N LYS A 127 10.88 -4.51 -10.02
CA LYS A 127 11.58 -4.89 -11.26
C LYS A 127 12.18 -3.68 -11.98
N ALA A 128 11.47 -2.55 -12.06
CA ALA A 128 11.97 -1.36 -12.76
C ALA A 128 13.21 -0.80 -12.02
N TYR A 129 13.24 -0.91 -10.69
CA TYR A 129 14.36 -0.44 -9.88
C TYR A 129 15.56 -1.41 -10.02
N ALA A 130 15.31 -2.72 -9.78
CA ALA A 130 16.34 -3.77 -9.78
C ALA A 130 17.11 -3.85 -11.07
N LYS A 131 16.41 -3.73 -12.24
CA LYS A 131 17.08 -3.82 -13.55
CA LYS A 131 16.98 -3.72 -13.60
C LYS A 131 18.07 -2.66 -13.77
N GLN A 132 17.96 -1.56 -13.00
CA GLN A 132 18.84 -0.40 -13.14
C GLN A 132 19.91 -0.26 -12.04
N ASP A 133 19.85 -1.15 -11.03
CA ASP A 133 20.74 -1.12 -9.88
C ASP A 133 22.04 -1.85 -10.18
N LEU A 134 22.92 -1.19 -10.92
CA LEU A 134 24.19 -1.79 -11.32
C LEU A 134 25.14 -2.00 -10.12
N MSE A 135 25.64 -3.24 -10.01
CA MSE A 135 26.57 -3.67 -8.95
CA MSE A 135 26.56 -3.65 -8.94
C MSE A 135 27.70 -4.45 -9.55
O MSE A 135 27.47 -5.30 -10.41
CB MSE A 135 25.88 -4.54 -7.92
CB MSE A 135 25.79 -4.50 -7.90
CG MSE A 135 24.81 -3.85 -7.12
CG MSE A 135 24.48 -3.89 -7.40
SE MSE A 135 24.07 -5.22 -5.96
SE MSE A 135 23.35 -5.20 -6.46
CE MSE A 135 22.25 -4.97 -6.41
CE MSE A 135 24.63 -5.78 -5.15
N THR A 136 28.94 -4.18 -9.10
CA THR A 136 30.09 -4.89 -9.65
C THR A 136 31.07 -5.33 -8.57
N SER A 137 31.90 -6.31 -8.91
CA SER A 137 32.99 -6.77 -8.04
C SER A 137 34.33 -6.30 -8.58
N ASN A 138 35.36 -6.38 -7.74
CA ASN A 138 36.74 -6.18 -8.20
C ASN A 138 37.30 -7.59 -8.42
N ALA A 139 38.59 -7.73 -8.76
CA ALA A 139 39.27 -9.00 -9.01
C ALA A 139 39.17 -9.91 -7.76
N THR A 140 38.62 -11.09 -7.95
CA THR A 140 38.35 -12.03 -6.85
C THR A 140 39.10 -13.34 -7.09
N ALA A 141 39.67 -13.91 -6.03
CA ALA A 141 40.40 -15.16 -6.10
C ALA A 141 39.51 -16.34 -5.72
N LEU A 142 39.85 -17.48 -6.30
CA LEU A 142 39.20 -18.75 -5.99
C LEU A 142 39.77 -19.25 -4.65
N ILE A 143 38.92 -19.77 -3.78
CA ILE A 143 39.30 -20.28 -2.46
CA ILE A 143 39.36 -20.29 -2.49
C ILE A 143 39.05 -21.79 -2.43
N GLY A 144 40.00 -22.55 -1.91
CA GLY A 144 39.80 -23.98 -1.80
C GLY A 144 40.97 -24.86 -2.15
N GLU A 145 40.78 -26.16 -1.88
CA GLU A 145 41.74 -27.23 -2.08
C GLU A 145 41.01 -28.57 -2.07
N ASN A 146 41.63 -29.59 -2.69
CA ASN A 146 41.15 -30.98 -2.77
C ASN A 146 39.65 -31.07 -3.19
N GLY A 147 39.35 -30.60 -4.40
CA GLY A 147 38.01 -30.65 -4.97
C GLY A 147 36.88 -29.81 -4.37
N ASN A 148 37.16 -28.95 -3.33
CA ASN A 148 36.16 -28.08 -2.69
CA ASN A 148 36.16 -28.08 -2.71
C ASN A 148 36.54 -26.60 -2.89
N TYR A 149 35.95 -25.95 -3.89
CA TYR A 149 36.28 -24.59 -4.25
C TYR A 149 35.07 -23.68 -4.29
N SER A 150 35.31 -22.41 -3.98
CA SER A 150 34.25 -21.42 -3.96
C SER A 150 34.76 -20.07 -4.43
N LEU A 151 33.85 -19.30 -5.02
CA LEU A 151 34.04 -17.92 -5.43
C LEU A 151 33.08 -17.11 -4.64
N SER A 152 33.58 -16.21 -3.79
CA SER A 152 32.71 -15.41 -2.95
C SER A 152 32.94 -13.94 -3.29
N PHE A 153 31.97 -13.36 -4.00
CA PHE A 153 32.09 -11.99 -4.49
C PHE A 153 31.51 -10.98 -3.53
N GLN A 154 32.16 -9.83 -3.46
CA GLN A 154 31.67 -8.64 -2.76
C GLN A 154 31.24 -7.66 -3.87
N LEU A 155 29.96 -7.30 -3.94
CA LEU A 155 29.46 -6.36 -4.97
CA LEU A 155 29.52 -6.37 -4.99
C LEU A 155 29.25 -4.99 -4.40
N THR A 156 29.61 -3.94 -5.16
CA THR A 156 29.39 -2.56 -4.73
CA THR A 156 29.37 -2.55 -4.76
C THR A 156 28.46 -1.90 -5.78
N HIS A 157 27.55 -1.04 -5.33
CA HIS A 157 26.60 -0.32 -6.18
C HIS A 157 27.34 0.79 -6.91
N ARG A 158 27.13 0.89 -8.23
CA ARG A 158 27.83 1.89 -9.04
CA ARG A 158 27.81 1.88 -9.08
C ARG A 158 27.05 3.21 -9.13
N MSE A 159 25.74 3.19 -8.87
CA MSE A 159 24.95 4.41 -8.93
C MSE A 159 24.92 5.07 -7.55
O MSE A 159 25.44 4.52 -6.58
CB MSE A 159 23.49 4.08 -9.40
CG MSE A 159 23.42 3.49 -10.82
SE MSE A 159 24.20 4.70 -12.16
CE MSE A 159 25.86 3.71 -12.59
N SER A 160 24.29 6.25 -7.47
CA SER A 160 24.09 6.93 -6.20
C SER A 160 22.62 6.80 -5.87
N LEU A 161 22.21 7.13 -4.64
CA LEU A 161 20.82 6.94 -4.26
C LEU A 161 20.24 8.14 -3.53
N VAL A 162 19.07 8.60 -3.99
CA VAL A 162 18.30 9.64 -3.32
C VAL A 162 17.29 8.92 -2.43
N VAL A 163 17.19 9.32 -1.16
CA VAL A 163 16.17 8.78 -0.25
C VAL A 163 15.33 9.98 0.24
N VAL A 164 13.99 9.93 0.10
CA VAL A 164 13.12 11.02 0.54
C VAL A 164 12.21 10.51 1.66
N LYS A 165 12.21 11.21 2.80
CA LYS A 165 11.31 10.91 3.92
C LYS A 165 10.35 12.08 4.09
N LEU A 166 9.09 11.90 3.64
CA LEU A 166 8.09 12.97 3.78
C LEU A 166 7.53 12.98 5.24
N PRO A 167 6.91 14.08 5.70
CA PRO A 167 6.35 14.05 7.06
C PRO A 167 5.22 13.02 7.18
N SER A 168 5.17 12.36 8.34
CA SER A 168 4.11 11.39 8.63
C SER A 168 3.82 11.47 10.13
N THR A 169 2.61 11.08 10.54
CA THR A 169 2.25 11.18 11.95
C THR A 169 1.57 9.92 12.45
N ARG A 170 2.19 9.26 13.40
CA ARG A 170 1.54 8.12 14.03
C ARG A 170 0.53 8.69 15.05
N TYR A 171 -0.71 8.20 15.03
CA TYR A 171 -1.70 8.55 16.03
C TYR A 171 -1.84 7.40 17.00
N ILE A 172 -1.63 7.66 18.28
CA ILE A 172 -1.95 6.68 19.32
C ILE A 172 -3.34 7.11 19.81
N PHE A 173 -4.38 6.42 19.33
CA PHE A 173 -5.75 6.77 19.72
C PHE A 173 -6.05 6.23 21.10
N THR A 174 -6.62 7.10 21.96
CA THR A 174 -6.92 6.74 23.34
C THR A 174 -8.38 7.03 23.70
N ASP A 175 -8.78 6.55 24.88
CA ASP A 175 -10.07 6.89 25.46
C ASP A 175 -9.81 8.19 26.24
N ALA A 176 -10.82 8.67 26.98
CA ALA A 176 -10.70 9.93 27.74
C ALA A 176 -9.68 9.86 28.86
N GLU A 177 -9.29 8.64 29.28
CA GLU A 177 -8.32 8.47 30.38
C GLU A 177 -6.91 8.25 29.85
N GLY A 178 -6.72 8.44 28.55
CA GLY A 178 -5.40 8.26 27.95
C GLY A 178 -4.96 6.81 27.80
N VAL A 179 -5.90 5.85 27.90
CA VAL A 179 -5.54 4.44 27.69
C VAL A 179 -5.59 4.16 26.17
N ALA A 180 -4.48 3.69 25.59
CA ALA A 180 -4.38 3.42 24.15
C ALA A 180 -5.38 2.33 23.77
N MSE A 181 -6.08 2.53 22.67
CA MSE A 181 -7.00 1.50 22.23
C MSE A 181 -6.17 0.36 21.57
O MSE A 181 -5.06 0.58 21.06
CB MSE A 181 -8.15 2.06 21.35
CG MSE A 181 -7.81 2.44 19.95
SE MSE A 181 -9.41 3.53 19.33
CE MSE A 181 -10.84 2.17 19.24
N PRO A 182 -6.63 -0.91 21.69
CA PRO A 182 -5.85 -2.02 21.11
C PRO A 182 -5.73 -1.86 19.61
N GLU A 183 -4.60 -2.28 19.04
CA GLU A 183 -4.44 -2.25 17.58
C GLU A 183 -3.44 -3.31 17.15
N GLU A 184 -3.41 -3.62 15.85
CA GLU A 184 -2.51 -4.63 15.28
CA GLU A 184 -2.54 -4.63 15.23
C GLU A 184 -1.17 -4.04 14.88
N THR A 185 -1.16 -2.80 14.38
CA THR A 185 0.05 -2.14 13.92
C THR A 185 -0.10 -0.63 14.09
N PRO A 186 0.97 0.19 14.08
CA PRO A 186 0.78 1.64 14.23
C PRO A 186 -0.13 2.24 13.17
N TYR A 187 -0.96 3.18 13.61
CA TYR A 187 -1.84 3.95 12.74
C TYR A 187 -1.05 5.16 12.30
N VAL A 188 -0.78 5.32 11.00
CA VAL A 188 0.07 6.43 10.55
C VAL A 188 -0.57 7.22 9.43
N ALA A 189 -0.70 8.52 9.64
CA ALA A 189 -1.18 9.47 8.63
C ALA A 189 0.02 9.80 7.72
N MSE A 190 -0.09 9.56 6.43
CA MSE A 190 1.02 9.78 5.48
C MSE A 190 0.63 10.76 4.41
O MSE A 190 -0.55 10.87 4.07
CB MSE A 190 1.43 8.44 4.86
CG MSE A 190 2.10 7.53 5.87
SE MSE A 190 2.33 5.77 5.20
CE MSE A 190 0.42 5.01 5.46
N SER A 191 1.62 11.45 3.85
CA SER A 191 1.42 12.50 2.85
C SER A 191 0.61 12.01 1.65
N VAL A 192 -0.24 12.89 1.13
CA VAL A 192 -1.06 12.62 -0.03
C VAL A 192 -0.70 13.57 -1.18
N ASP A 193 -1.25 13.27 -2.37
CA ASP A 193 -1.05 14.03 -3.61
C ASP A 193 0.44 14.22 -3.84
N VAL A 194 1.19 13.12 -3.70
CA VAL A 194 2.67 13.15 -3.80
C VAL A 194 3.10 13.05 -5.26
N ALA A 195 3.95 13.97 -5.68
CA ALA A 195 4.54 13.92 -7.02
C ALA A 195 5.91 14.50 -6.95
N PHE A 196 6.84 13.87 -7.66
CA PHE A 196 8.21 14.37 -7.77
C PHE A 196 8.51 14.75 -9.22
N TYR A 197 9.31 15.81 -9.40
CA TYR A 197 9.70 16.35 -10.70
C TYR A 197 11.18 16.61 -10.78
N LEU A 198 11.75 16.39 -11.97
CA LEU A 198 13.15 16.72 -12.20
C LEU A 198 13.30 18.17 -12.69
N ASP A 199 14.11 18.97 -11.94
CA ASP A 199 14.51 20.36 -12.18
CA ASP A 199 14.51 20.36 -12.26
C ASP A 199 13.38 21.40 -12.17
N ASN A 200 12.21 21.12 -12.80
CA ASN A 200 11.09 22.06 -12.80
C ASN A 200 9.78 21.31 -12.90
N VAL A 201 8.69 21.93 -12.44
CA VAL A 201 7.38 21.30 -12.40
C VAL A 201 6.69 21.46 -13.76
N GLU A 202 6.45 20.30 -14.40
CA GLU A 202 5.82 20.05 -15.72
C GLU A 202 5.34 18.61 -15.75
N GLU A 203 4.34 18.29 -16.61
CA GLU A 203 3.83 16.91 -16.74
C GLU A 203 4.93 15.97 -17.27
N GLY A 204 5.74 16.48 -18.21
CA GLY A 204 6.85 15.75 -18.82
C GLY A 204 8.11 15.58 -17.99
N THR A 205 8.19 16.25 -16.81
CA THR A 205 9.39 16.14 -15.94
C THR A 205 9.13 15.26 -14.70
N LYS A 206 7.91 14.71 -14.59
CA LYS A 206 7.47 13.86 -13.48
C LYS A 206 8.33 12.61 -13.41
N ILE A 207 8.79 12.30 -12.20
CA ILE A 207 9.65 11.12 -12.02
CA ILE A 207 9.66 11.13 -11.99
C ILE A 207 8.92 10.10 -11.13
N SER A 208 9.29 8.79 -11.26
CA SER A 208 8.61 7.73 -10.52
C SER A 208 9.58 6.94 -9.63
N PRO A 209 9.84 7.44 -8.41
CA PRO A 209 10.75 6.71 -7.51
C PRO A 209 10.12 5.45 -6.96
N TYR A 210 10.93 4.63 -6.34
CA TYR A 210 10.45 3.42 -5.69
C TYR A 210 9.88 3.78 -4.34
N TYR A 211 8.64 3.36 -4.03
CA TYR A 211 8.07 3.66 -2.72
C TYR A 211 8.21 2.43 -1.83
N ASP A 212 8.92 2.59 -0.71
CA ASP A 212 9.10 1.53 0.28
C ASP A 212 7.99 1.68 1.28
N ALA A 213 6.95 0.86 1.15
CA ALA A 213 5.76 0.96 2.02
C ALA A 213 6.04 0.60 3.48
N LYS A 214 7.01 -0.31 3.72
CA LYS A 214 7.40 -0.75 5.06
CA LYS A 214 7.38 -0.75 5.06
C LYS A 214 8.08 0.39 5.84
N LYS A 215 9.04 1.10 5.19
CA LYS A 215 9.76 2.20 5.84
C LYS A 215 9.08 3.56 5.62
N ASP A 216 8.09 3.65 4.69
CA ASP A 216 7.38 4.89 4.29
C ASP A 216 8.41 5.92 3.77
N GLU A 217 9.14 5.54 2.72
CA GLU A 217 10.13 6.47 2.16
C GLU A 217 10.26 6.17 0.68
N TYR A 218 10.74 7.16 -0.08
CA TYR A 218 10.91 7.03 -1.53
C TYR A 218 12.38 6.94 -1.85
N ARG A 219 12.75 6.07 -2.80
CA ARG A 219 14.14 5.85 -3.20
C ARG A 219 14.28 6.00 -4.69
N LEU A 220 15.35 6.64 -5.14
CA LEU A 220 15.57 6.87 -6.56
C LEU A 220 17.05 6.77 -6.86
N LEU A 221 17.42 5.84 -7.73
CA LEU A 221 18.81 5.75 -8.19
C LEU A 221 19.14 6.93 -9.10
N ARG A 222 20.34 7.53 -8.92
CA ARG A 222 20.83 8.67 -9.71
C ARG A 222 22.27 8.43 -10.12
N LYS A 223 22.67 9.03 -11.25
CA LYS A 223 24.06 8.88 -11.68
C LYS A 223 24.98 9.62 -10.71
N PRO A 224 26.13 9.03 -10.33
CA PRO A 224 27.06 9.76 -9.45
C PRO A 224 27.47 11.10 -10.06
N SER A 225 27.64 12.13 -9.20
CA SER A 225 28.03 13.50 -9.61
C SER A 225 26.92 14.25 -10.37
N SER A 226 25.66 13.70 -10.45
CA SER A 226 24.56 14.44 -11.08
C SER A 226 24.18 15.58 -10.14
N GLU A 227 23.57 16.65 -10.65
CA GLU A 227 23.35 17.85 -9.83
C GLU A 227 21.95 18.45 -9.87
N ASN A 228 20.97 17.70 -10.38
CA ASN A 228 19.61 18.20 -10.54
C ASN A 228 18.90 18.50 -9.24
N GLN A 229 18.02 19.48 -9.27
CA GLN A 229 17.09 19.70 -8.19
C GLN A 229 15.95 18.75 -8.43
N ILE A 230 15.42 18.15 -7.38
CA ILE A 230 14.22 17.35 -7.43
C ILE A 230 13.17 18.15 -6.65
N ILE A 231 12.05 18.46 -7.30
CA ILE A 231 10.98 19.21 -6.66
C ILE A 231 9.94 18.21 -6.21
N GLY A 232 9.61 18.25 -4.93
CA GLY A 232 8.59 17.36 -4.40
C GLY A 232 7.35 18.16 -4.04
N HIS A 233 6.20 17.69 -4.50
CA HIS A 233 4.88 18.20 -4.16
C HIS A 233 4.19 17.17 -3.26
N TYR A 234 3.65 17.61 -2.13
CA TYR A 234 2.92 16.73 -1.19
C TYR A 234 2.03 17.62 -0.36
N ASN A 235 0.84 17.08 -0.01
N ASN A 235 0.87 17.13 0.09
CA ASN A 235 -0.22 17.79 0.71
CA ASN A 235 -0.07 17.88 0.96
C ASN A 235 -0.51 19.06 -0.08
C ASN A 235 -0.12 19.40 0.64
N ASP A 236 -0.25 20.24 0.48
N ASP A 236 -0.24 19.72 -0.67
CA ASP A 236 -0.46 21.48 -0.24
CA ASP A 236 -0.35 21.05 -1.28
C ASP A 236 0.81 22.31 -0.22
C ASP A 236 0.86 22.02 -1.05
N LYS A 237 1.97 21.63 -0.32
CA LYS A 237 3.20 22.41 -0.25
CA LYS A 237 3.16 22.45 -0.23
C LYS A 237 4.30 21.80 -1.08
N GLN A 238 5.49 22.38 -1.02
CA GLN A 238 6.58 21.86 -1.84
C GLN A 238 7.90 21.92 -1.16
N CYS A 239 8.81 21.13 -1.70
CA CYS A 239 10.16 21.10 -1.20
C CYS A 239 11.11 20.97 -2.39
N THR A 240 12.31 21.45 -2.22
CA THR A 240 13.35 21.32 -3.23
C THR A 240 14.42 20.48 -2.62
N LEU A 241 14.77 19.38 -3.31
CA LEU A 241 15.85 18.50 -2.90
C LEU A 241 17.03 18.77 -3.80
N ASP A 242 18.02 19.49 -3.26
CA ASP A 242 19.23 19.83 -3.98
C ASP A 242 20.17 18.63 -3.92
N THR A 243 20.30 17.89 -5.03
CA THR A 243 21.18 16.71 -5.04
C THR A 243 22.64 17.09 -5.36
N ALA A 244 22.87 18.30 -5.86
CA ALA A 244 24.24 18.72 -6.22
C ALA A 244 25.22 18.49 -5.07
N GLU A 245 26.37 17.88 -5.37
CA GLU A 245 27.50 17.54 -4.48
C GLU A 245 27.18 16.43 -3.49
N LYS A 246 25.98 15.83 -3.56
CA LYS A 246 25.62 14.81 -2.59
C LYS A 246 25.46 13.43 -3.24
N MSE A 247 25.77 13.32 -4.55
CA MSE A 247 25.57 12.07 -5.32
C MSE A 247 26.88 11.30 -5.49
O MSE A 247 27.51 11.36 -6.54
CB MSE A 247 24.93 12.41 -6.67
CG MSE A 247 23.59 13.14 -6.54
SE MSE A 247 22.16 11.89 -6.04
CE MSE A 247 22.13 12.12 -4.09
N LYS A 248 27.29 10.59 -4.43
CA LYS A 248 28.52 9.80 -4.43
C LYS A 248 28.21 8.35 -4.81
N GLU A 249 29.07 7.74 -5.61
CA GLU A 249 28.92 6.35 -6.04
C GLU A 249 28.84 5.41 -4.83
N GLY A 250 27.82 4.53 -4.82
CA GLY A 250 27.62 3.58 -3.74
C GLY A 250 27.18 4.20 -2.43
N LYS A 251 26.68 5.43 -2.48
CA LYS A 251 26.24 6.10 -1.25
C LYS A 251 24.87 6.73 -1.45
N TYR A 252 24.17 6.98 -0.35
CA TYR A 252 22.87 7.61 -0.43
C TYR A 252 22.83 8.93 0.35
N LYS A 253 21.92 9.79 -0.05
CA LYS A 253 21.63 11.04 0.62
C LYS A 253 20.16 10.96 1.00
N ARG A 254 19.88 11.08 2.30
CA ARG A 254 18.50 11.05 2.78
CA ARG A 254 18.51 11.04 2.80
C ARG A 254 18.02 12.47 3.04
N PHE A 255 16.92 12.85 2.39
CA PHE A 255 16.30 14.17 2.60
C PHE A 255 15.11 14.00 3.53
N VAL A 256 15.18 14.55 4.74
CA VAL A 256 14.07 14.47 5.71
C VAL A 256 13.26 15.76 5.57
N VAL A 257 12.02 15.64 5.11
CA VAL A 257 11.18 16.80 4.82
C VAL A 257 10.28 17.12 6.00
N ASP A 258 10.32 18.36 6.47
CA ASP A 258 9.50 18.89 7.55
C ASP A 258 9.40 17.92 8.78
N GLY A 259 10.55 17.44 9.25
CA GLY A 259 10.62 16.59 10.44
C GLY A 259 10.41 15.11 10.27
N GLY A 260 9.97 14.68 9.10
CA GLY A 260 9.76 13.27 8.84
C GLY A 260 8.72 12.67 9.78
N TYR A 261 9.02 11.49 10.31
CA TYR A 261 8.06 10.76 11.16
C TYR A 261 7.94 11.36 12.56
N LYS A 262 6.69 11.49 13.05
CA LYS A 262 6.49 11.96 14.43
C LYS A 262 5.30 11.20 15.02
N GLU A 263 5.15 11.23 16.36
CA GLU A 263 4.03 10.52 17.01
C GLU A 263 3.23 11.47 17.87
N VAL A 264 1.89 11.30 17.86
CA VAL A 264 0.99 12.09 18.70
C VAL A 264 -0.02 11.17 19.39
N THR A 265 -0.67 11.69 20.42
CA THR A 265 -1.76 10.94 21.06
CA THR A 265 -1.73 10.99 21.13
C THR A 265 -3.05 11.72 20.84
N HIS A 266 -4.16 11.00 20.75
CA HIS A 266 -5.42 11.68 20.48
C HIS A 266 -6.59 10.92 21.07
N HIS A 267 -7.42 11.62 21.84
CA HIS A 267 -8.68 11.05 22.36
C HIS A 267 -9.67 10.94 21.21
N LEU A 268 -9.85 9.72 20.69
CA LEU A 268 -10.70 9.51 19.51
C LEU A 268 -12.18 9.54 19.91
N GLN A 269 -12.96 10.43 19.31
CA GLN A 269 -14.39 10.56 19.65
C GLN A 269 -15.26 10.67 18.43
N VAL A 270 -16.53 10.27 18.58
CA VAL A 270 -17.53 10.51 17.55
C VAL A 270 -17.60 12.04 17.33
N GLY A 271 -17.66 12.47 16.09
CA GLY A 271 -17.69 13.89 15.77
C GLY A 271 -16.34 14.44 15.37
N ASP A 272 -15.24 13.66 15.56
CA ASP A 272 -13.92 14.14 15.15
C ASP A 272 -13.87 14.29 13.61
N TYR A 273 -13.09 15.27 13.12
CA TYR A 273 -12.94 15.52 11.67
C TYR A 273 -11.86 14.59 11.10
N TYR A 274 -12.18 13.93 9.99
CA TYR A 274 -11.32 12.94 9.33
C TYR A 274 -10.82 13.46 7.99
N TYR A 275 -9.52 13.34 7.74
CA TYR A 275 -8.89 13.91 6.55
C TYR A 275 -8.33 12.88 5.56
N ALA A 276 -8.09 13.32 4.32
CA ALA A 276 -7.61 12.50 3.20
C ALA A 276 -6.30 11.75 3.51
N ASP A 277 -5.46 12.28 4.42
CA ASP A 277 -4.19 11.60 4.75
C ASP A 277 -4.38 10.63 5.94
N GLY A 278 -5.61 10.58 6.49
CA GLY A 278 -5.89 9.73 7.63
C GLY A 278 -5.76 10.46 8.94
N SER A 279 -5.40 11.75 8.91
CA SER A 279 -5.26 12.52 10.15
C SER A 279 -6.65 12.81 10.73
N VAL A 280 -6.69 13.09 12.04
CA VAL A 280 -7.93 13.32 12.78
C VAL A 280 -7.80 14.59 13.57
N VAL A 281 -8.84 15.41 13.57
CA VAL A 281 -8.87 16.66 14.32
C VAL A 281 -10.01 16.59 15.32
N SER A 282 -9.77 17.08 16.54
CA SER A 282 -10.82 17.10 17.59
C SER A 282 -12.14 17.71 17.08
N GLY A 283 -13.24 17.03 17.38
CA GLY A 283 -14.59 17.54 17.05
C GLY A 283 -14.89 18.82 17.80
N ASN A 284 -14.06 19.18 18.80
CA ASN A 284 -14.27 20.44 19.53
C ASN A 284 -13.61 21.63 18.82
N GLU A 285 -12.87 21.38 17.74
CA GLU A 285 -12.19 22.46 17.00
C GLU A 285 -13.21 23.53 16.53
N ALA A 286 -12.99 24.81 16.88
CA ALA A 286 -13.94 25.88 16.52
C ALA A 286 -13.89 26.24 15.02
N GLU A 287 -12.72 26.16 14.41
CA GLU A 287 -12.51 26.52 13.00
C GLU A 287 -11.81 25.39 12.25
N PRO A 288 -12.50 24.25 12.03
CA PRO A 288 -11.84 23.14 11.34
C PRO A 288 -11.50 23.47 9.90
N ALA A 289 -10.38 22.95 9.40
CA ALA A 289 -9.99 23.10 8.01
C ALA A 289 -10.93 22.29 7.13
N LYS A 290 -11.46 22.92 6.08
CA LYS A 290 -12.33 22.26 5.11
C LYS A 290 -11.49 21.47 4.13
N ASP A 291 -10.31 22.02 3.76
CA ASP A 291 -9.39 21.38 2.80
C ASP A 291 -9.03 19.97 3.22
N ASN A 292 -9.20 19.03 2.28
CA ASN A 292 -8.90 17.61 2.43
C ASN A 292 -9.72 16.92 3.54
N CYS A 293 -10.77 17.58 4.09
CA CYS A 293 -11.66 16.90 5.07
C CYS A 293 -12.55 15.96 4.26
N ILE A 294 -12.59 14.68 4.61
CA ILE A 294 -13.38 13.72 3.80
C ILE A 294 -14.56 13.15 4.58
N GLY A 295 -14.58 13.35 5.89
CA GLY A 295 -15.69 12.79 6.67
C GLY A 295 -15.59 13.11 8.16
N ILE A 296 -16.54 12.54 8.91
CA ILE A 296 -16.64 12.70 10.37
C ILE A 296 -16.59 11.30 11.00
N VAL A 297 -15.86 11.16 12.09
CA VAL A 297 -15.83 9.90 12.82
C VAL A 297 -17.23 9.68 13.38
N CYS A 298 -17.87 8.55 13.02
CA CYS A 298 -19.26 8.33 13.46
C CYS A 298 -19.41 7.15 14.43
N TRP A 299 -18.34 6.41 14.71
CA TRP A 299 -18.39 5.27 15.65
C TRP A 299 -16.96 4.94 16.05
N VAL A 300 -16.70 4.69 17.33
CA VAL A 300 -15.34 4.43 17.81
C VAL A 300 -15.28 3.00 18.37
N GLY A 301 -14.31 2.22 17.93
CA GLY A 301 -14.15 0.85 18.39
C GLY A 301 -13.74 -0.06 17.27
N ASN A 302 -13.63 -1.36 17.55
CA ASN A 302 -13.25 -2.33 16.52
C ASN A 302 -14.55 -2.74 15.83
N PRO A 303 -14.74 -2.46 14.51
CA PRO A 303 -16.04 -2.78 13.87
C PRO A 303 -16.11 -4.15 13.19
N MSE A 304 -15.09 -5.01 13.42
CA MSE A 304 -15.10 -6.33 12.80
CA MSE A 304 -15.07 -6.37 12.85
C MSE A 304 -16.22 -7.17 13.41
O MSE A 304 -16.36 -7.21 14.64
CB MSE A 304 -13.75 -7.01 12.92
CB MSE A 304 -13.75 -7.10 13.17
CG MSE A 304 -12.77 -6.49 11.91
CG MSE A 304 -12.67 -6.86 12.16
SE MSE A 304 -10.98 -6.70 12.50
SE MSE A 304 -12.16 -5.02 12.13
CE MSE A 304 -10.16 -5.51 11.25
CE MSE A 304 -10.44 -5.23 11.18
N PRO A 305 -17.07 -7.80 12.56
CA PRO A 305 -18.20 -8.57 13.12
C PRO A 305 -17.77 -9.76 13.99
N SER A 306 -16.63 -10.40 13.69
CA SER A 306 -16.16 -11.54 14.51
C SER A 306 -15.67 -11.06 15.90
N VAL A 307 -15.44 -9.75 16.06
CA VAL A 307 -15.05 -9.14 17.33
C VAL A 307 -16.34 -8.63 18.02
N LEU A 308 -17.10 -7.75 17.33
CA LEU A 308 -18.36 -7.23 17.89
C LEU A 308 -19.32 -8.29 18.35
N TYR A 309 -19.47 -9.36 17.56
CA TYR A 309 -20.49 -10.36 17.82
C TYR A 309 -19.93 -11.72 18.25
N LYS A 310 -18.73 -11.71 18.86
CA LYS A 310 -18.08 -12.94 19.33
C LYS A 310 -18.94 -13.73 20.36
N ASP A 311 -19.76 -13.04 21.18
CA ASP A 311 -20.59 -13.69 22.21
C ASP A 311 -22.04 -13.96 21.76
N VAL A 312 -22.37 -13.72 20.46
CA VAL A 312 -23.73 -14.01 19.96
C VAL A 312 -23.91 -15.55 19.89
N ALA A 313 -25.09 -16.06 20.36
CA ALA A 313 -25.42 -17.49 20.40
C ALA A 313 -25.26 -18.15 19.02
N GLY A 314 -24.51 -19.26 19.01
CA GLY A 314 -24.23 -20.03 17.81
C GLY A 314 -23.04 -19.53 17.02
N THR A 315 -22.41 -18.41 17.49
CA THR A 315 -21.24 -17.73 16.89
C THR A 315 -21.41 -17.62 15.35
N PRO A 316 -22.40 -16.82 14.86
CA PRO A 316 -22.57 -16.73 13.40
C PRO A 316 -21.42 -16.02 12.67
N TYR A 317 -20.65 -15.17 13.40
CA TYR A 317 -19.54 -14.41 12.85
C TYR A 317 -18.23 -14.86 13.48
N THR A 318 -17.35 -15.43 12.65
CA THR A 318 -16.05 -15.98 13.05
C THR A 318 -14.99 -15.41 12.15
N ALA A 319 -13.68 -15.71 12.43
CA ALA A 319 -12.60 -15.21 11.58
C ALA A 319 -12.71 -15.78 10.18
N THR A 320 -13.29 -16.99 10.03
CA THR A 320 -13.44 -17.64 8.72
C THR A 320 -14.34 -16.83 7.77
N ASN A 321 -15.47 -16.28 8.27
CA ASN A 321 -16.36 -15.54 7.37
C ASN A 321 -16.31 -13.99 7.60
N ASP A 322 -15.17 -13.46 8.15
CA ASP A 322 -15.01 -12.02 8.41
C ASP A 322 -14.09 -11.39 7.33
N ALA A 323 -14.72 -10.86 6.27
CA ALA A 323 -14.04 -10.23 5.13
C ALA A 323 -13.26 -8.98 5.53
N LEU A 324 -13.78 -8.21 6.50
CA LEU A 324 -13.11 -7.00 6.99
C LEU A 324 -11.80 -7.35 7.69
N LEU A 325 -11.82 -8.36 8.59
CA LEU A 325 -10.64 -8.82 9.33
C LEU A 325 -9.60 -9.35 8.34
N ARG A 326 -10.06 -10.09 7.33
CA ARG A 326 -9.18 -10.67 6.31
C ARG A 326 -8.52 -9.60 5.41
N SER A 327 -9.30 -8.62 4.90
CA SER A 327 -8.77 -7.63 3.96
C SER A 327 -8.14 -6.38 4.59
N HIS A 328 -8.61 -5.94 5.79
CA HIS A 328 -8.08 -4.73 6.39
C HIS A 328 -7.93 -4.96 7.89
N PRO A 329 -7.02 -5.89 8.30
CA PRO A 329 -6.91 -6.24 9.74
C PRO A 329 -6.49 -5.09 10.65
N ASN A 330 -5.96 -4.01 10.07
CA ASN A 330 -5.51 -2.89 10.87
CA ASN A 330 -5.50 -2.82 10.78
C ASN A 330 -6.65 -1.89 11.15
N CYS A 331 -7.82 -2.03 10.49
CA CYS A 331 -8.94 -1.09 10.69
C CYS A 331 -9.80 -1.45 11.90
N VAL A 332 -9.25 -1.21 13.09
CA VAL A 332 -9.86 -1.57 14.39
C VAL A 332 -10.14 -0.34 15.25
N HIS A 333 -10.11 0.87 14.66
CA HIS A 333 -10.28 2.11 15.43
C HIS A 333 -11.69 2.70 15.35
N GLY A 334 -12.34 2.54 14.21
CA GLY A 334 -13.70 3.07 14.12
C GLY A 334 -14.20 3.22 12.72
N LEU A 335 -15.29 4.00 12.59
CA LEU A 335 -15.95 4.23 11.31
C LEU A 335 -16.02 5.73 11.07
N VAL A 336 -16.01 6.10 9.81
CA VAL A 336 -16.13 7.48 9.34
C VAL A 336 -17.30 7.55 8.37
N MSE A 337 -18.10 8.61 8.50
CA MSE A 337 -19.16 8.88 7.52
C MSE A 337 -18.70 9.99 6.59
O MSE A 337 -18.20 11.03 7.04
CB MSE A 337 -20.48 9.27 8.20
CG MSE A 337 -21.62 9.40 7.19
SE MSE A 337 -23.26 9.89 8.07
CE MSE A 337 -22.72 11.64 8.66
N SER A 338 -18.95 9.81 5.30
CA SER A 338 -18.57 10.75 4.26
C SER A 338 -19.25 12.11 4.40
N LEU A 339 -18.55 13.20 4.02
CA LEU A 339 -19.20 14.51 3.82
C LEU A 339 -20.07 14.42 2.57
N TYR A 340 -19.69 13.51 1.66
CA TYR A 340 -20.42 13.26 0.41
C TYR A 340 -21.85 12.84 0.69
N THR A 341 -22.79 13.40 -0.07
CA THR A 341 -24.19 12.93 -0.03
C THR A 341 -24.89 13.31 -1.34
N GLU A 342 -25.62 12.36 -1.90
CA GLU A 342 -26.43 12.56 -3.12
C GLU A 342 -27.62 11.66 -3.02
N THR A 343 -28.66 11.92 -3.83
CA THR A 343 -29.83 11.05 -3.93
C THR A 343 -29.73 10.32 -5.25
N GLY A 344 -30.21 9.09 -5.28
CA GLY A 344 -30.19 8.32 -6.53
C GLY A 344 -30.78 6.94 -6.36
N LYS A 345 -30.75 6.16 -7.46
CA LYS A 345 -31.24 4.78 -7.50
C LYS A 345 -30.13 3.89 -6.98
N PHE A 346 -30.43 2.61 -6.67
CA PHE A 346 -29.40 1.72 -6.15
C PHE A 346 -28.96 0.76 -7.21
N SER A 347 -29.92 0.05 -7.81
CA SER A 347 -29.64 -0.96 -8.82
C SER A 347 -30.89 -1.22 -9.61
N PRO A 348 -30.84 -1.95 -10.74
CA PRO A 348 -32.11 -2.36 -11.36
C PRO A 348 -32.79 -3.41 -10.48
N ALA A 349 -34.09 -3.67 -10.68
CA ALA A 349 -34.79 -4.76 -9.99
C ALA A 349 -34.23 -6.06 -10.56
N LEU A 350 -33.93 -7.05 -9.71
CA LEU A 350 -33.31 -8.29 -10.19
C LEU A 350 -34.32 -9.42 -10.25
N THR A 351 -34.05 -10.43 -11.09
CA THR A 351 -34.89 -11.63 -11.17
C THR A 351 -34.51 -12.51 -9.98
N GLN A 352 -33.21 -12.75 -9.82
CA GLN A 352 -32.64 -13.50 -8.73
C GLN A 352 -31.92 -12.51 -7.80
N SER A 353 -32.28 -12.49 -6.49
CA SER A 353 -31.64 -11.59 -5.52
C SER A 353 -30.15 -11.89 -5.40
N ILE A 354 -29.38 -10.95 -4.86
CA ILE A 354 -27.95 -11.17 -4.62
C ILE A 354 -27.80 -12.31 -3.61
N HIS A 355 -28.69 -12.36 -2.60
CA HIS A 355 -28.70 -13.45 -1.62
C HIS A 355 -28.87 -14.81 -2.32
N ASP A 356 -29.90 -14.94 -3.17
CA ASP A 356 -30.18 -16.19 -3.87
C ASP A 356 -29.00 -16.60 -4.75
N TRP A 357 -28.36 -15.63 -5.45
CA TRP A 357 -27.16 -15.93 -6.24
C TRP A 357 -26.04 -16.42 -5.34
N PHE A 358 -25.80 -15.69 -4.24
CA PHE A 358 -24.70 -15.94 -3.31
C PHE A 358 -24.75 -17.38 -2.73
N MSE A 359 -25.94 -17.86 -2.35
CA MSE A 359 -26.15 -19.19 -1.75
C MSE A 359 -25.84 -20.35 -2.73
O MSE A 359 -25.64 -21.47 -2.27
CB MSE A 359 -27.57 -19.32 -1.20
CG MSE A 359 -27.87 -18.37 -0.03
SE MSE A 359 -26.60 -18.55 1.44
CE MSE A 359 -27.40 -20.08 2.31
N THR A 360 -25.74 -20.06 -4.05
CA THR A 360 -25.37 -21.07 -5.07
C THR A 360 -23.84 -21.10 -5.32
N THR A 361 -23.06 -20.20 -4.67
CA THR A 361 -21.61 -20.08 -4.92
C THR A 361 -20.74 -20.86 -3.92
N SER A 362 -19.42 -20.84 -4.16
CA SER A 362 -18.38 -21.44 -3.30
C SER A 362 -17.91 -20.43 -2.20
N PHE A 363 -18.54 -19.24 -2.11
CA PHE A 363 -18.13 -18.17 -1.18
C PHE A 363 -18.92 -18.14 0.14
N THR A 364 -19.87 -19.07 0.34
CA THR A 364 -20.77 -19.06 1.51
C THR A 364 -20.09 -19.29 2.86
N SER A 365 -18.86 -19.81 2.89
CA SER A 365 -18.15 -20.07 4.14
CA SER A 365 -18.19 -20.04 4.16
C SER A 365 -17.19 -18.92 4.51
N SER A 366 -16.80 -18.11 3.51
CA SER A 366 -15.82 -17.03 3.69
CA SER A 366 -15.82 -17.03 3.69
C SER A 366 -16.45 -15.63 3.75
N TYR A 367 -17.77 -15.52 3.48
CA TYR A 367 -18.50 -14.23 3.52
C TYR A 367 -19.85 -14.44 4.19
N VAL A 368 -20.50 -13.34 4.59
CA VAL A 368 -21.85 -13.32 5.13
C VAL A 368 -22.76 -12.84 4.00
N SER A 369 -23.95 -13.40 3.86
CA SER A 369 -24.89 -12.93 2.84
C SER A 369 -25.28 -11.45 3.10
N VAL A 370 -25.56 -10.71 2.01
CA VAL A 370 -26.01 -9.31 2.09
C VAL A 370 -27.48 -9.25 2.60
N THR A 371 -28.22 -10.37 2.60
CA THR A 371 -29.62 -10.30 3.04
C THR A 371 -29.78 -9.90 4.51
N GLY A 372 -30.79 -9.11 4.79
CA GLY A 372 -31.17 -8.84 6.16
C GLY A 372 -32.29 -9.78 6.56
N TYR A 373 -32.95 -10.39 5.55
CA TYR A 373 -34.19 -11.12 5.78
C TYR A 373 -34.14 -12.65 5.74
N TYR A 374 -33.33 -13.23 4.85
CA TYR A 374 -33.31 -14.68 4.66
C TYR A 374 -32.02 -15.31 5.15
N ASP A 375 -31.34 -14.71 6.15
CA ASP A 375 -30.06 -15.24 6.62
C ASP A 375 -30.28 -16.62 7.29
N ALA A 376 -29.40 -17.58 6.99
CA ALA A 376 -29.48 -18.94 7.52
C ALA A 376 -29.15 -19.01 9.02
N ASN A 377 -28.33 -18.07 9.54
CA ASN A 377 -27.93 -18.13 10.95
C ASN A 377 -28.62 -17.11 11.85
N GLU A 378 -29.04 -15.95 11.31
CA GLU A 378 -29.68 -14.92 12.11
C GLU A 378 -31.04 -14.56 11.54
N ASN A 379 -32.04 -14.35 12.41
CA ASN A 379 -33.41 -14.04 12.02
C ASN A 379 -33.51 -12.59 11.46
N ASN A 380 -34.70 -12.22 10.96
CA ASN A 380 -34.88 -10.91 10.33
C ASN A 380 -35.02 -9.73 11.33
N LYS A 381 -34.93 -10.00 12.64
CA LYS A 381 -34.93 -8.94 13.66
C LYS A 381 -33.48 -8.58 14.03
N ASN A 382 -32.59 -9.58 14.08
CA ASN A 382 -31.17 -9.40 14.44
C ASN A 382 -30.25 -9.07 13.27
N LYS A 383 -30.37 -9.78 12.16
CA LYS A 383 -29.47 -9.60 11.00
C LYS A 383 -29.42 -8.10 10.52
N PRO A 384 -30.55 -7.35 10.38
CA PRO A 384 -30.43 -5.93 9.93
C PRO A 384 -29.80 -4.99 10.95
N LEU A 385 -29.51 -5.46 12.17
CA LEU A 385 -28.87 -4.58 13.17
C LEU A 385 -27.34 -4.77 13.24
N ARG A 386 -26.78 -5.74 12.51
CA ARG A 386 -25.33 -6.00 12.54
C ARG A 386 -24.52 -5.08 11.62
N PHE A 387 -23.30 -4.74 12.05
CA PHE A 387 -22.37 -3.92 11.24
C PHE A 387 -21.72 -4.80 10.21
N LEU A 388 -22.18 -4.73 8.95
CA LEU A 388 -21.69 -5.63 7.89
C LEU A 388 -21.49 -4.96 6.55
N GLY A 389 -21.46 -3.62 6.52
CA GLY A 389 -21.32 -2.89 5.26
C GLY A 389 -20.08 -3.25 4.47
N TYR A 390 -18.92 -3.42 5.15
CA TYR A 390 -17.70 -3.77 4.41
C TYR A 390 -17.88 -5.14 3.74
N ASN A 391 -18.34 -6.14 4.51
CA ASN A 391 -18.68 -7.46 3.99
C ASN A 391 -19.57 -7.32 2.76
N ASN A 392 -20.65 -6.54 2.89
CA ASN A 392 -21.63 -6.37 1.80
C ASN A 392 -20.99 -5.82 0.53
N SER A 393 -20.03 -4.87 0.68
CA SER A 393 -19.31 -4.30 -0.47
CA SER A 393 -19.34 -4.30 -0.49
C SER A 393 -18.51 -5.39 -1.19
N GLU A 394 -17.82 -6.26 -0.43
CA GLU A 394 -17.03 -7.34 -1.02
C GLU A 394 -17.93 -8.37 -1.69
N VAL A 395 -19.11 -8.66 -1.13
CA VAL A 395 -20.05 -9.62 -1.77
C VAL A 395 -20.58 -9.00 -3.07
N LEU A 396 -20.89 -7.69 -3.06
CA LEU A 396 -21.37 -7.03 -4.25
C LEU A 396 -20.29 -6.97 -5.36
N ASP A 397 -19.01 -6.89 -4.97
CA ASP A 397 -17.87 -6.90 -5.91
C ASP A 397 -17.78 -8.28 -6.56
N LEU A 398 -17.98 -9.36 -5.77
CA LEU A 398 -18.00 -10.73 -6.27
C LEU A 398 -19.16 -10.92 -7.26
N TYR A 399 -20.33 -10.30 -6.97
CA TYR A 399 -21.48 -10.32 -7.88
C TYR A 399 -21.12 -9.60 -9.17
N TYR A 400 -20.49 -8.41 -9.05
CA TYR A 400 -20.08 -7.65 -10.23
C TYR A 400 -19.09 -8.46 -11.10
N ASP A 401 -18.13 -9.14 -10.48
CA ASP A 401 -17.12 -9.97 -11.16
C ASP A 401 -17.77 -11.05 -12.04
N THR A 402 -18.94 -11.54 -11.61
CA THR A 402 -19.70 -12.58 -12.31
C THR A 402 -20.62 -12.00 -13.40
N PHE A 403 -21.41 -10.95 -13.09
CA PHE A 403 -22.45 -10.45 -14.01
C PHE A 403 -22.12 -9.14 -14.75
N LYS A 404 -21.14 -8.36 -14.25
CA LYS A 404 -20.66 -7.09 -14.83
C LYS A 404 -21.81 -6.05 -15.02
N THR A 405 -22.87 -6.13 -14.18
CA THR A 405 -23.99 -5.18 -14.22
C THR A 405 -23.57 -3.90 -13.51
N ASP A 406 -23.68 -2.77 -14.22
CA ASP A 406 -23.29 -1.45 -13.73
C ASP A 406 -24.38 -0.82 -12.86
N PHE A 407 -24.45 -1.27 -11.59
CA PHE A 407 -25.42 -0.76 -10.62
C PHE A 407 -25.14 0.71 -10.34
N GLU A 408 -26.20 1.52 -10.17
CA GLU A 408 -26.05 2.94 -9.87
C GLU A 408 -25.26 3.18 -8.58
N CYS A 409 -25.38 2.28 -7.56
CA CYS A 409 -24.64 2.46 -6.29
C CYS A 409 -23.11 2.49 -6.50
N PHE A 410 -22.58 1.77 -7.52
CA PHE A 410 -21.15 1.79 -7.85
C PHE A 410 -20.71 3.15 -8.39
N GLN A 411 -21.61 3.87 -9.12
CA GLN A 411 -21.30 5.18 -9.69
CA GLN A 411 -21.33 5.18 -9.70
C GLN A 411 -21.23 6.22 -8.58
N TYR A 412 -22.14 6.16 -7.59
CA TYR A 412 -22.13 7.08 -6.46
C TYR A 412 -20.89 6.82 -5.61
N GLN A 413 -20.50 5.53 -5.44
CA GLN A 413 -19.29 5.16 -4.68
CA GLN A 413 -19.29 5.17 -4.67
C GLN A 413 -18.06 5.77 -5.36
N ASP A 414 -17.99 5.64 -6.70
CA ASP A 414 -16.87 6.18 -7.50
C ASP A 414 -16.79 7.69 -7.33
N ASP A 415 -17.95 8.38 -7.38
CA ASP A 415 -18.06 9.83 -7.24
C ASP A 415 -17.61 10.28 -5.86
N CYS A 416 -17.97 9.51 -4.80
CA CYS A 416 -17.55 9.84 -3.42
C CYS A 416 -16.04 9.72 -3.34
N GLU A 417 -15.48 8.65 -3.87
CA GLU A 417 -14.03 8.39 -3.87
C GLU A 417 -13.28 9.48 -4.67
N SER A 418 -13.86 9.92 -5.80
CA SER A 418 -13.24 10.95 -6.65
CA SER A 418 -13.25 10.94 -6.66
C SER A 418 -13.14 12.29 -5.93
N SER A 419 -14.24 12.72 -5.29
CA SER A 419 -14.28 14.01 -4.59
C SER A 419 -13.61 13.98 -3.21
N PHE A 420 -13.67 12.84 -2.51
CA PHE A 420 -13.16 12.69 -1.14
C PHE A 420 -12.36 11.40 -1.04
N PRO A 421 -11.14 11.37 -1.62
CA PRO A 421 -10.38 10.12 -1.65
C PRO A 421 -10.06 9.61 -0.27
N SER A 422 -10.39 8.33 -0.07
CA SER A 422 -10.13 7.64 1.19
C SER A 422 -8.62 7.32 1.33
N PRO A 423 -8.08 7.39 2.56
CA PRO A 423 -6.64 7.05 2.75
C PRO A 423 -6.39 5.58 2.43
N SER A 424 -5.16 5.24 1.99
CA SER A 424 -4.78 3.85 1.63
C SER A 424 -4.87 2.90 2.84
N ILE A 425 -4.74 3.43 4.06
CA ILE A 425 -4.78 2.62 5.28
C ILE A 425 -6.22 2.25 5.70
N THR A 426 -7.22 2.77 5.03
CA THR A 426 -8.64 2.49 5.37
C THR A 426 -9.25 1.41 4.46
N THR A 427 -10.52 1.05 4.72
CA THR A 427 -11.24 0.08 3.91
C THR A 427 -11.58 0.63 2.53
N GLY A 428 -11.63 1.95 2.40
CA GLY A 428 -12.21 2.61 1.25
C GLY A 428 -13.70 2.79 1.55
N TRP A 429 -14.39 3.58 0.75
CA TRP A 429 -15.81 3.89 0.96
C TRP A 429 -16.75 2.72 0.59
N TYR A 430 -17.80 2.52 1.39
CA TYR A 430 -18.83 1.51 1.08
C TYR A 430 -20.20 2.01 1.56
N VAL A 431 -21.28 1.45 1.01
CA VAL A 431 -22.65 1.78 1.46
C VAL A 431 -22.85 1.07 2.80
N PRO A 432 -23.14 1.80 3.89
CA PRO A 432 -23.27 1.13 5.19
C PRO A 432 -24.39 0.10 5.20
N SER A 433 -24.22 -0.96 6.02
CA SER A 433 -25.32 -1.90 6.26
C SER A 433 -26.41 -1.14 7.01
N SER A 434 -27.61 -1.71 7.09
CA SER A 434 -28.70 -1.06 7.83
C SER A 434 -28.32 -0.94 9.31
N GLY A 435 -27.53 -1.88 9.81
CA GLY A 435 -27.11 -1.85 11.22
C GLY A 435 -26.22 -0.66 11.52
N GLU A 436 -25.27 -0.38 10.61
CA GLU A 436 -24.38 0.76 10.77
C GLU A 436 -25.17 2.09 10.75
N LEU A 437 -26.16 2.21 9.86
CA LEU A 437 -26.99 3.43 9.78
C LEU A 437 -27.85 3.61 11.01
N VAL A 438 -28.47 2.54 11.50
CA VAL A 438 -29.33 2.63 12.68
C VAL A 438 -28.52 3.13 13.91
N ALA A 439 -27.26 2.71 14.01
CA ALA A 439 -26.38 3.09 15.13
C ALA A 439 -25.94 4.57 15.11
N LEU A 440 -26.16 5.32 14.01
CA LEU A 440 -25.88 6.75 13.95
C LEU A 440 -26.78 7.57 14.88
N GLN A 441 -27.94 7.03 15.23
CA GLN A 441 -28.87 7.77 16.09
C GLN A 441 -29.02 7.08 17.43
N ASP A 442 -29.18 7.87 18.50
CA ASP A 442 -29.45 7.32 19.83
C ASP A 442 -30.56 8.16 20.50
N LYS A 443 -30.93 7.80 21.75
CA LYS A 443 -32.01 8.46 22.49
C LYS A 443 -31.73 9.94 22.79
N ASP A 444 -30.45 10.35 22.78
CA ASP A 444 -30.02 11.74 23.01
C ASP A 444 -29.81 12.51 21.67
N ASN A 445 -30.42 12.05 20.57
CA ASN A 445 -30.32 12.68 19.23
C ASN A 445 -28.84 12.95 18.84
N SER A 446 -27.99 11.92 18.91
CA SER A 446 -26.58 12.05 18.50
C SER A 446 -26.44 12.43 17.02
N LEU A 447 -27.41 12.03 16.19
CA LEU A 447 -27.33 12.37 14.76
C LEU A 447 -27.29 13.90 14.59
N GLU A 448 -28.20 14.62 15.25
CA GLU A 448 -28.19 16.06 15.08
C GLU A 448 -27.13 16.75 15.96
N SER A 449 -26.95 16.30 17.22
CA SER A 449 -26.04 16.91 18.20
CA SER A 449 -26.04 16.94 18.17
C SER A 449 -24.55 16.60 18.00
N LYS A 450 -24.22 15.34 17.61
CA LYS A 450 -22.80 14.97 17.44
C LYS A 450 -22.33 14.98 15.99
N LEU A 451 -23.21 14.68 15.02
CA LEU A 451 -22.79 14.62 13.62
C LEU A 451 -23.12 15.91 12.85
N ASN A 452 -24.38 16.36 12.84
CA ASN A 452 -24.76 17.53 12.02
C ASN A 452 -24.04 18.81 12.46
N THR A 453 -23.77 18.95 13.76
CA THR A 453 -23.03 20.13 14.28
C THR A 453 -21.59 20.19 13.72
N LYS A 454 -21.04 19.04 13.26
CA LYS A 454 -19.69 19.00 12.66
C LYS A 454 -19.79 19.15 11.16
N LEU A 455 -20.74 18.42 10.55
CA LEU A 455 -20.91 18.48 9.10
C LEU A 455 -21.08 19.92 8.61
N ILE A 456 -21.89 20.72 9.31
CA ILE A 456 -22.18 22.11 8.90
C ILE A 456 -20.92 23.02 8.93
N LYS A 457 -19.85 22.63 9.65
CA LYS A 457 -18.62 23.43 9.72
C LYS A 457 -17.68 23.15 8.56
N VAL A 458 -17.84 21.98 7.88
CA VAL A 458 -16.91 21.59 6.79
C VAL A 458 -17.61 21.26 5.46
N SER A 459 -18.92 21.39 5.43
CA SER A 459 -19.75 21.06 4.27
CA SER A 459 -19.70 21.14 4.22
C SER A 459 -20.97 21.97 4.25
N ASP A 460 -21.65 22.05 3.08
CA ASP A 460 -22.87 22.84 2.99
CA ASP A 460 -22.88 22.82 2.94
C ASP A 460 -24.09 21.92 3.19
N LYS A 461 -23.85 20.60 3.39
CA LYS A 461 -24.93 19.64 3.59
C LYS A 461 -24.85 18.91 4.92
N THR A 462 -25.99 18.77 5.58
CA THR A 462 -26.06 18.01 6.82
C THR A 462 -26.85 16.75 6.51
N MSE A 463 -26.96 15.88 7.49
CA MSE A 463 -27.74 14.67 7.36
C MSE A 463 -29.17 15.02 7.76
O MSE A 463 -29.43 15.28 8.94
CB MSE A 463 -27.09 13.59 8.24
CG MSE A 463 -27.53 12.24 7.91
SE MSE A 463 -26.58 10.98 9.03
CE MSE A 463 -27.59 9.48 8.37
N ASP A 464 -30.09 15.15 6.78
CA ASP A 464 -31.49 15.50 7.08
C ASP A 464 -32.13 14.32 7.85
N ILE A 465 -32.57 14.60 9.09
CA ILE A 465 -33.20 13.60 9.98
C ILE A 465 -34.52 13.05 9.37
N SER A 466 -35.17 13.79 8.44
CA SER A 466 -36.44 13.37 7.83
CA SER A 466 -36.43 13.36 7.84
C SER A 466 -36.22 12.61 6.50
N ALA A 467 -34.95 12.48 6.06
CA ALA A 467 -34.65 11.79 4.80
C ALA A 467 -34.64 10.24 5.00
N THR A 468 -34.60 9.51 3.88
CA THR A 468 -34.58 8.05 3.86
C THR A 468 -33.25 7.67 3.26
N TYR A 469 -32.53 6.74 3.91
CA TYR A 469 -31.17 6.42 3.49
C TYR A 469 -31.00 4.99 2.98
N TRP A 470 -30.29 4.84 1.86
CA TRP A 470 -29.98 3.51 1.35
C TRP A 470 -29.07 2.73 2.30
N SER A 471 -29.29 1.42 2.43
CA SER A 471 -28.30 0.58 3.08
C SER A 471 -27.84 -0.46 2.05
N SER A 472 -26.79 -1.19 2.36
CA SER A 472 -26.30 -2.27 1.50
C SER A 472 -26.93 -3.61 1.91
N THR A 473 -27.91 -3.59 2.85
CA THR A 473 -28.60 -4.79 3.34
C THR A 473 -29.81 -5.08 2.43
N GLU A 474 -29.83 -6.28 1.83
CA GLU A 474 -30.87 -6.63 0.88
C GLU A 474 -32.11 -7.20 1.56
N ARG A 475 -33.31 -6.81 1.07
CA ARG A 475 -34.57 -7.36 1.55
C ARG A 475 -34.96 -8.56 0.67
N ASN A 476 -34.97 -8.37 -0.65
CA ASN A 476 -35.33 -9.42 -1.64
C ASN A 476 -34.77 -8.98 -3.00
N ASN A 477 -35.20 -9.64 -4.09
CA ASN A 477 -34.68 -9.31 -5.43
C ASN A 477 -35.03 -7.88 -5.88
N LYS A 478 -36.10 -7.29 -5.34
CA LYS A 478 -36.55 -5.96 -5.74
C LYS A 478 -36.21 -4.83 -4.78
N ASN A 479 -35.98 -5.16 -3.48
CA ASN A 479 -35.84 -4.16 -2.40
C ASN A 479 -34.58 -4.29 -1.57
N MSE A 480 -34.11 -3.13 -1.09
CA MSE A 480 -33.06 -3.00 -0.09
C MSE A 480 -33.72 -2.59 1.22
O MSE A 480 -34.83 -2.09 1.22
CB MSE A 480 -32.03 -1.89 -0.48
CG MSE A 480 -31.35 -2.09 -1.84
SE MSE A 480 -30.42 -3.76 -1.94
CE MSE A 480 -28.97 -3.43 -0.76
N TYR A 481 -33.01 -2.74 2.34
CA TYR A 481 -33.42 -2.12 3.58
C TYR A 481 -33.07 -0.62 3.48
N ILE A 482 -33.96 0.24 3.95
CA ILE A 482 -33.75 1.70 3.96
C ILE A 482 -33.94 2.17 5.40
N VAL A 483 -33.17 3.19 5.78
CA VAL A 483 -33.17 3.64 7.15
C VAL A 483 -33.80 5.03 7.25
N THR A 484 -34.64 5.20 8.27
CA THR A 484 -35.26 6.47 8.61
C THR A 484 -34.96 6.74 10.06
N TYR A 485 -35.17 7.98 10.48
CA TYR A 485 -34.85 8.38 11.84
C TYR A 485 -35.94 9.19 12.49
N SER A 486 -36.02 9.06 13.80
CA SER A 486 -36.76 9.97 14.66
C SER A 486 -35.66 10.71 15.46
N LYS A 487 -36.05 11.55 16.44
CA LYS A 487 -35.06 12.23 17.28
C LYS A 487 -34.48 11.28 18.31
N THR A 488 -35.00 10.05 18.43
CA THR A 488 -34.51 9.11 19.43
C THR A 488 -34.01 7.77 18.86
N ALA A 489 -34.27 7.45 17.58
CA ALA A 489 -33.83 6.14 17.06
C ALA A 489 -33.77 6.11 15.56
N GLY A 490 -32.97 5.19 15.03
CA GLY A 490 -32.95 4.86 13.62
C GLY A 490 -33.85 3.64 13.46
N SER A 491 -34.45 3.47 12.29
CA SER A 491 -35.30 2.31 12.05
C SER A 491 -34.99 1.75 10.67
N ALA A 492 -34.75 0.45 10.57
CA ALA A 492 -34.46 -0.19 9.27
C ALA A 492 -35.77 -0.76 8.71
N GLY A 493 -36.22 -0.24 7.57
CA GLY A 493 -37.46 -0.67 6.94
C GLY A 493 -37.18 -1.47 5.69
N THR A 494 -38.14 -2.27 5.25
CA THR A 494 -37.93 -3.14 4.09
C THR A 494 -38.48 -2.59 2.76
N GLY A 495 -38.94 -1.34 2.72
CA GLY A 495 -39.57 -0.78 1.52
C GLY A 495 -38.67 -0.14 0.47
N GLY A 496 -37.38 -0.41 0.51
CA GLY A 496 -36.42 0.24 -0.38
C GLY A 496 -36.32 -0.33 -1.78
N VAL A 497 -37.38 -0.15 -2.62
CA VAL A 497 -37.40 -0.63 -4.02
C VAL A 497 -36.11 -0.12 -4.68
N LYS A 498 -35.29 -1.02 -5.22
CA LYS A 498 -33.94 -0.74 -5.76
C LYS A 498 -33.92 0.36 -6.82
N THR A 499 -35.05 0.57 -7.53
CA THR A 499 -35.26 1.55 -8.60
C THR A 499 -35.86 2.86 -8.07
N ASN A 500 -36.15 2.93 -6.74
CA ASN A 500 -36.61 4.18 -6.13
C ASN A 500 -35.40 5.11 -5.92
N THR A 501 -35.62 6.34 -5.45
CA THR A 501 -34.56 7.30 -5.19
C THR A 501 -34.49 7.59 -3.71
N TYR A 502 -33.34 7.28 -3.08
CA TYR A 502 -33.12 7.58 -1.66
C TYR A 502 -31.73 8.24 -1.51
N THR A 503 -31.37 8.56 -0.26
CA THR A 503 -30.13 9.30 0.03
C THR A 503 -28.99 8.38 0.32
N TYR A 504 -27.83 8.72 -0.25
CA TYR A 504 -26.58 8.05 0.04
C TYR A 504 -25.72 8.79 1.06
N ARG A 505 -25.15 8.04 1.98
CA ARG A 505 -24.02 8.42 2.84
C ARG A 505 -23.06 7.24 2.78
N PHE A 506 -21.78 7.47 2.58
CA PHE A 506 -20.82 6.38 2.55
C PHE A 506 -20.08 6.32 3.86
N PHE A 507 -19.61 5.13 4.18
CA PHE A 507 -18.79 4.86 5.36
C PHE A 507 -17.43 4.30 4.96
N LEU A 508 -16.46 4.41 5.86
CA LEU A 508 -15.17 3.71 5.71
C LEU A 508 -14.77 3.25 7.10
N GLY A 509 -13.97 2.21 7.18
CA GLY A 509 -13.40 1.73 8.44
C GLY A 509 -11.94 2.16 8.49
N PHE A 510 -11.45 2.52 9.68
CA PHE A 510 -10.03 2.92 9.88
C PHE A 510 -9.47 2.34 11.20
CL CL B . 16.31 -5.84 -1.59
CL CL C . -34.98 -1.35 12.94
CL CL D . 11.86 10.37 10.29
CL CL E . -39.19 12.47 16.60
S SO4 F . -14.65 7.99 26.31
O1 SO4 F . -14.92 9.24 25.62
O2 SO4 F . -14.88 8.20 27.73
O3 SO4 F . -15.59 6.99 25.80
O4 SO4 F . -13.31 7.55 26.15
S SO4 G . -41.81 -7.36 5.25
O1 SO4 G . -42.79 -6.27 5.18
O2 SO4 G . -41.57 -7.69 6.67
O3 SO4 G . -42.28 -8.53 4.54
O4 SO4 G . -40.55 -6.97 4.63
S SO4 H . -27.52 -10.21 20.43
O1 SO4 H . -28.82 -9.67 20.82
O2 SO4 H . -26.78 -10.70 21.62
O3 SO4 H . -27.72 -11.31 19.49
O4 SO4 H . -26.74 -9.13 19.81
C1 GOL I . 13.77 -3.27 -5.42
O1 GOL I . 14.07 -4.56 -5.90
C2 GOL I . 14.23 -3.07 -3.99
O2 GOL I . 15.56 -3.57 -3.85
C3 GOL I . 14.20 -1.58 -3.73
O3 GOL I . 14.80 -1.27 -2.47
C1 GOL J . 17.95 -7.31 -6.49
O1 GOL J . 16.97 -8.22 -5.99
C2 GOL J . 17.52 -5.88 -6.23
O2 GOL J . 17.28 -5.71 -4.81
C3 GOL J . 18.61 -4.92 -6.68
O3 GOL J . 18.42 -3.63 -6.08
C1 GOL K . 19.99 -0.20 -17.83
O1 GOL K . 18.70 -0.66 -17.46
C2 GOL K . 20.32 -0.57 -19.26
O2 GOL K . 20.04 -1.96 -19.45
C3 GOL K . 21.77 -0.33 -19.57
O3 GOL K . 22.07 1.06 -19.67
C1 GOL L . -21.70 0.00 -3.40
O1 GOL L . -20.52 0.24 -4.15
C2 GOL L . -21.44 -0.99 -2.30
O2 GOL L . -20.68 -0.37 -1.25
C3 GOL L . -22.76 -1.50 -1.77
O3 GOL L . -22.60 -2.79 -1.18
C1 GOL M . -19.21 25.07 4.88
O1 GOL M . -18.79 24.42 3.68
C2 GOL M . -18.05 25.76 5.55
O2 GOL M . -17.48 26.72 4.65
C3 GOL M . -18.45 26.44 6.84
O3 GOL M . -19.31 27.55 6.61
C1 GOL N . -9.06 25.71 5.45
O1 GOL N . -9.03 24.51 4.69
C2 GOL N . -10.35 26.45 5.19
O2 GOL N . -10.77 26.18 3.84
C3 GOL N . -11.44 26.07 6.15
O3 GOL N . -11.34 26.83 7.36
C1 GOL O . 1.98 15.85 7.61
O1 GOL O . 2.45 16.58 8.74
C2 GOL O . 1.23 14.62 8.04
O2 GOL O . 1.99 13.96 9.05
C3 GOL O . 1.03 13.67 6.88
O3 GOL O . 0.08 14.19 5.96
C1 GOL P . -41.57 -7.53 0.48
O1 GOL P . -41.97 -8.24 -0.69
C2 GOL P . -41.60 -6.04 0.23
O2 GOL P . -42.78 -5.71 -0.51
C3 GOL P . -41.65 -5.34 1.57
O3 GOL P . -42.00 -3.98 1.38
C1 GOL Q . 30.83 -18.25 -21.15
O1 GOL Q . 31.91 -17.89 -22.00
C2 GOL Q . 29.59 -18.51 -21.95
O2 GOL Q . 29.75 -19.72 -22.71
C3 GOL Q . 28.40 -18.65 -21.03
O3 GOL Q . 27.19 -18.70 -21.76
C1 GOL R . 5.97 -2.47 -6.46
O1 GOL R . 5.62 -1.53 -5.45
C2 GOL R . 6.21 -3.84 -5.87
O2 GOL R . 7.13 -3.73 -4.79
C3 GOL R . 6.76 -4.78 -6.92
O3 GOL R . 5.79 -5.08 -7.92
C1 GOL S . -17.72 -3.04 -8.54
O1 GOL S . -16.63 -3.96 -8.54
C2 GOL S . -17.34 -1.75 -9.24
O2 GOL S . -15.97 -1.43 -8.99
C3 GOL S . -17.60 -1.83 -10.73
O3 GOL S . -17.43 -0.56 -11.33
C1 GOL T . -24.78 -1.85 17.70
O1 GOL T . -25.85 -1.94 16.77
C2 GOL T . -23.54 -2.50 17.16
O2 GOL T . -23.84 -3.83 16.72
C3 GOL T . -22.42 -2.54 18.19
O3 GOL T . -22.10 -1.23 18.62
C1 GOL U . 8.65 4.31 12.03
O1 GOL U . 9.46 3.95 13.14
C2 GOL U . 9.49 4.51 10.80
O2 GOL U . 10.39 5.60 11.00
C3 GOL U . 8.66 4.72 9.56
O3 GOL U . 8.24 6.08 9.44
C1 GOL V . -38.58 7.09 -4.27
O1 GOL V . -38.51 7.37 -5.66
C2 GOL V . -39.68 7.87 -3.61
O2 GOL V . -40.07 7.21 -2.40
C3 GOL V . -39.21 9.27 -3.28
O3 GOL V . -38.21 9.24 -2.27
C1 GOL W . 46.83 -13.00 -14.18
O1 GOL W . 46.70 -14.25 -14.85
C2 GOL W . 45.53 -12.24 -14.18
O2 GOL W . 44.45 -13.10 -13.77
C3 GOL W . 45.19 -11.61 -15.52
O3 GOL W . 45.95 -10.45 -15.77
C1 GOL X . 3.23 0.95 21.30
O1 GOL X . 3.13 -0.43 20.96
C2 GOL X . 4.66 1.39 21.46
O2 GOL X . 4.68 2.75 21.92
C3 GOL X . 5.43 1.28 20.17
O3 GOL X . 6.69 1.91 20.26
C1 GOL Y . 18.75 -10.34 -19.89
O1 GOL Y . 19.28 -11.44 -20.63
C2 GOL Y . 19.54 -9.08 -20.15
O2 GOL Y . 19.03 -8.02 -19.33
C3 GOL Y . 19.47 -8.65 -21.61
O3 GOL Y . 20.17 -7.44 -21.82
C1 GOL Z . -14.56 -2.92 -0.86
O1 GOL Z . -15.37 -3.78 -1.62
C2 GOL Z . -13.70 -2.06 -1.76
O2 GOL Z . -12.56 -2.82 -2.18
C3 GOL Z . -13.26 -0.78 -1.11
O3 GOL Z . -14.34 -0.07 -0.53
C1 GOL AA . 26.68 -24.32 -11.05
O1 GOL AA . 25.37 -24.28 -10.50
C2 GOL AA . 27.61 -23.42 -10.27
O2 GOL AA . 27.75 -23.89 -8.93
C3 GOL AA . 28.95 -23.25 -10.93
O3 GOL AA . 29.76 -24.42 -10.78
C1 GOL BA . -30.67 17.51 2.80
O1 GOL BA . -31.32 18.73 3.17
C2 GOL BA . -29.18 17.71 2.66
O2 GOL BA . -28.51 16.46 2.72
C3 GOL BA . -28.81 18.42 1.38
O3 GOL BA . -28.97 17.58 0.24
C1 GOL CA . -11.89 17.21 0.16
O1 GOL CA . -11.28 16.20 -0.66
C2 GOL CA . -12.12 18.48 -0.63
O2 GOL CA . -13.45 18.96 -0.38
C3 GOL CA . -11.14 19.58 -0.29
O3 GOL CA . -9.80 19.19 -0.56
C1 GOL DA . 29.49 -11.00 -24.68
O1 GOL DA . 28.53 -10.04 -25.12
C2 GOL DA . 28.86 -12.37 -24.61
O2 GOL DA . 27.82 -12.38 -23.63
C3 GOL DA . 29.91 -13.41 -24.27
O3 GOL DA . 29.35 -14.71 -24.14
#